data_8JV3
#
_entry.id   8JV3
#
_cell.length_a   70.027
_cell.length_b   78.271
_cell.length_c   79.772
_cell.angle_alpha   90.00
_cell.angle_beta   90.00
_cell.angle_gamma   90.00
#
_symmetry.space_group_name_H-M   'P 21 21 21'
#
loop_
_entity.id
_entity.type
_entity.pdbx_description
1 polymer 'Spermidine/putrescine-binding periplasmic protein'
2 non-polymer 'TRIMETHYL GLYCINE'
3 non-polymer '2-(N-MORPHOLINO)-ETHANESULFONIC ACID'
4 non-polymer 'TETRAETHYLENE GLYCOL'
5 non-polymer GLYCEROL
6 water water
#
_entity_poly.entity_id   1
_entity_poly.type   'polypeptide(L)'
_entity_poly.pdbx_seq_one_letter_code
;MGAVTVVSWGGAYTESQKLGYGDPTAAKLGIPVNWVDYTGGLSEIKAQKEAGAITWDIMDVYAKDTIIGCDEGIFHEFDF
DKDFLPAPDGTPASQDFFTSMPSKCAVGNILYSWNFAYNDAKIGDKKPKSIKDFFNTKKFPGKRAIYKGAMSNLEIALVA
DGVKASGAQAGGDLLYRKMEGAGIDRALAKIKKLCTDPNGGCVFWNAGAQPPELLANGEVVMATGWNGRFFNAQMEGTPL
VQVWDAQILDYEYFALVKDGPGYADGSAMKVLAEMTSTEGLAGSAKYIAYAPWRKSSIAIMEAGEPWFKDGKTNMVPHMP
TAPSNLKSHILMNPDYWADNQDEINEKWEAMKAGLHHHHHH
;
_entity_poly.pdbx_strand_id   A
#
loop_
_chem_comp.id
_chem_comp.type
_chem_comp.name
_chem_comp.formula
BET non-polymer 'TRIMETHYL GLYCINE' 'C5 H12 N O2 1'
GOL non-polymer GLYCEROL 'C3 H8 O3'
MES non-polymer '2-(N-MORPHOLINO)-ETHANESULFONIC ACID' 'C6 H13 N O4 S'
PG4 non-polymer 'TETRAETHYLENE GLYCOL' 'C8 H18 O5'
#
# COMPACT_ATOMS: atom_id res chain seq x y z
N GLY A 2 9.38 -19.87 -21.03
CA GLY A 2 8.48 -20.20 -19.92
C GLY A 2 7.96 -18.94 -19.25
N ALA A 3 6.71 -18.98 -18.78
CA ALA A 3 6.07 -17.78 -18.23
C ALA A 3 6.44 -17.57 -16.77
N VAL A 4 6.41 -16.30 -16.37
CA VAL A 4 6.66 -15.89 -14.99
C VAL A 4 5.37 -15.32 -14.44
N THR A 5 5.00 -15.76 -13.22
CA THR A 5 3.73 -15.40 -12.60
C THR A 5 3.97 -14.38 -11.50
N VAL A 6 3.40 -13.18 -11.66
CA VAL A 6 3.54 -12.09 -10.71
C VAL A 6 2.21 -11.95 -9.99
N VAL A 7 2.27 -11.77 -8.68
CA VAL A 7 1.09 -11.70 -7.83
C VAL A 7 0.95 -10.28 -7.33
N SER A 8 -0.21 -9.67 -7.53
CA SER A 8 -0.41 -8.30 -7.12
C SER A 8 -1.87 -8.09 -6.75
N TRP A 9 -2.30 -6.83 -6.67
CA TRP A 9 -3.47 -6.47 -5.88
C TRP A 9 -4.69 -6.12 -6.72
N GLY A 10 -4.59 -6.27 -8.04
CA GLY A 10 -5.73 -6.14 -8.91
C GLY A 10 -6.07 -4.72 -9.25
N GLY A 11 -7.15 -4.58 -10.01
CA GLY A 11 -7.71 -3.28 -10.32
C GLY A 11 -6.69 -2.32 -10.89
N ALA A 12 -6.78 -1.06 -10.46
CA ALA A 12 -5.94 -0.01 -11.04
C ALA A 12 -4.47 -0.23 -10.74
N TYR A 13 -4.16 -0.90 -9.63
CA TYR A 13 -2.76 -1.12 -9.30
C TYR A 13 -2.11 -2.12 -10.25
N THR A 14 -2.70 -3.30 -10.39
CA THR A 14 -2.14 -4.25 -11.35
C THR A 14 -2.10 -3.65 -12.75
N GLU A 15 -3.13 -2.89 -13.14
CA GLU A 15 -3.12 -2.26 -14.46
C GLU A 15 -1.90 -1.36 -14.63
N SER A 16 -1.61 -0.55 -13.61
CA SER A 16 -0.45 0.34 -13.71
C SER A 16 0.83 -0.44 -13.88
N GLN A 17 0.92 -1.61 -13.26
CA GLN A 17 2.12 -2.45 -13.38
C GLN A 17 2.19 -3.13 -14.73
N LYS A 18 1.09 -3.72 -15.17
CA LYS A 18 1.07 -4.40 -16.47
CA LYS A 18 1.06 -4.39 -16.46
C LYS A 18 1.41 -3.42 -17.58
N LEU A 19 0.81 -2.22 -17.57
CA LEU A 19 1.05 -1.29 -18.66
C LEU A 19 2.38 -0.54 -18.48
N GLY A 20 2.75 -0.24 -17.24
CA GLY A 20 3.98 0.51 -17.01
C GLY A 20 5.24 -0.32 -17.22
N TYR A 21 5.22 -1.58 -16.79
CA TYR A 21 6.44 -2.36 -16.82
C TYR A 21 6.30 -3.87 -17.09
N GLY A 22 5.15 -4.48 -16.81
CA GLY A 22 5.00 -5.91 -17.05
C GLY A 22 4.99 -6.27 -18.53
N ASP A 23 4.06 -5.68 -19.27
CA ASP A 23 3.96 -5.96 -20.70
C ASP A 23 5.23 -5.54 -21.43
N PRO A 24 5.81 -4.37 -21.16
CA PRO A 24 7.08 -4.04 -21.83
C PRO A 24 8.18 -5.03 -21.53
N THR A 25 8.26 -5.51 -20.28
CA THR A 25 9.29 -6.48 -19.93
C THR A 25 9.08 -7.79 -20.68
N ALA A 26 7.84 -8.29 -20.74
CA ALA A 26 7.58 -9.54 -21.44
C ALA A 26 7.98 -9.45 -22.90
N ALA A 27 7.64 -8.33 -23.54
CA ALA A 27 7.95 -8.17 -24.95
C ALA A 27 9.46 -8.07 -25.18
N LYS A 28 10.17 -7.38 -24.28
CA LYS A 28 11.61 -7.19 -24.46
C LYS A 28 12.36 -8.49 -24.24
N LEU A 29 11.99 -9.24 -23.22
CA LEU A 29 12.77 -10.41 -22.81
C LEU A 29 12.34 -11.68 -23.51
N GLY A 30 11.12 -11.74 -24.05
CA GLY A 30 10.60 -12.99 -24.56
C GLY A 30 10.14 -13.95 -23.50
N ILE A 31 9.95 -13.46 -22.28
CA ILE A 31 9.46 -14.24 -21.16
C ILE A 31 8.05 -13.74 -20.86
N PRO A 32 7.00 -14.52 -21.08
CA PRO A 32 5.65 -14.02 -20.74
C PRO A 32 5.55 -13.67 -19.26
N VAL A 33 4.80 -12.61 -18.98
CA VAL A 33 4.60 -12.12 -17.61
C VAL A 33 3.10 -12.09 -17.36
N ASN A 34 2.64 -12.99 -16.48
CA ASN A 34 1.23 -13.14 -16.17
C ASN A 34 0.95 -12.65 -14.76
N TRP A 35 -0.28 -12.17 -14.53
CA TRP A 35 -0.67 -11.51 -13.29
C TRP A 35 -1.76 -12.30 -12.59
N VAL A 36 -1.59 -12.50 -11.28
CA VAL A 36 -2.59 -13.13 -10.42
C VAL A 36 -2.94 -12.13 -9.33
N ASP A 37 -4.23 -12.03 -9.00
CA ASP A 37 -4.70 -11.12 -7.95
C ASP A 37 -4.70 -11.80 -6.59
N TYR A 38 -4.30 -11.05 -5.57
CA TYR A 38 -4.49 -11.44 -4.17
C TYR A 38 -4.76 -10.18 -3.35
N THR A 39 -4.87 -10.35 -2.03
CA THR A 39 -5.18 -9.23 -1.14
C THR A 39 -4.14 -9.09 -0.03
N GLY A 40 -2.91 -9.51 -0.28
CA GLY A 40 -1.82 -9.31 0.65
C GLY A 40 -1.62 -10.48 1.58
N GLY A 41 -0.52 -10.40 2.31
CA GLY A 41 -0.13 -11.41 3.27
C GLY A 41 0.55 -12.61 2.62
N LEU A 42 0.83 -13.60 3.47
CA LEU A 42 1.64 -14.75 3.11
C LEU A 42 0.91 -16.08 3.19
N SER A 43 -0.39 -16.09 3.50
CA SER A 43 -1.04 -17.37 3.76
C SER A 43 -1.09 -18.25 2.51
N GLU A 44 -1.34 -17.66 1.33
CA GLU A 44 -1.42 -18.46 0.10
C GLU A 44 -0.06 -19.05 -0.24
N ILE A 45 0.99 -18.23 -0.18
CA ILE A 45 2.30 -18.75 -0.58
C ILE A 45 2.81 -19.77 0.42
N LYS A 46 2.51 -19.59 1.71
CA LYS A 46 2.86 -20.61 2.70
C LYS A 46 2.17 -21.92 2.37
N ALA A 47 0.88 -21.87 2.03
CA ALA A 47 0.18 -23.11 1.69
C ALA A 47 0.79 -23.79 0.47
N GLN A 48 1.11 -23.01 -0.57
CA GLN A 48 1.75 -23.58 -1.74
C GLN A 48 3.10 -24.21 -1.39
N LYS A 49 3.91 -23.49 -0.59
CA LYS A 49 5.23 -23.99 -0.26
C LYS A 49 5.15 -25.29 0.55
N GLU A 50 4.27 -25.31 1.56
CA GLU A 50 4.13 -26.52 2.38
C GLU A 50 3.63 -27.70 1.56
N ALA A 51 2.83 -27.45 0.52
CA ALA A 51 2.32 -28.49 -0.35
C ALA A 51 3.31 -28.92 -1.43
N GLY A 52 4.45 -28.26 -1.55
CA GLY A 52 5.36 -28.60 -2.63
C GLY A 52 4.79 -28.27 -3.99
N ALA A 53 3.96 -27.23 -4.08
CA ALA A 53 3.23 -26.89 -5.30
C ALA A 53 3.20 -25.38 -5.48
N ILE A 54 4.37 -24.79 -5.65
CA ILE A 54 4.46 -23.35 -5.82
C ILE A 54 4.22 -22.98 -7.29
N THR A 55 3.23 -22.12 -7.52
CA THR A 55 2.96 -21.62 -8.86
C THR A 55 3.24 -20.12 -8.99
N TRP A 56 3.56 -19.43 -7.91
CA TRP A 56 3.85 -18.00 -7.93
C TRP A 56 5.35 -17.77 -7.99
N ASP A 57 5.78 -16.80 -8.80
CA ASP A 57 7.22 -16.49 -8.93
C ASP A 57 7.64 -15.21 -8.21
N ILE A 58 6.85 -14.15 -8.37
CA ILE A 58 7.21 -12.83 -7.85
C ILE A 58 5.96 -12.31 -7.15
N MET A 59 6.12 -11.79 -5.93
CA MET A 59 4.98 -11.24 -5.20
C MET A 59 5.19 -9.76 -4.92
N ASP A 60 4.17 -8.98 -5.20
CA ASP A 60 4.11 -7.58 -4.77
C ASP A 60 3.56 -7.60 -3.36
N VAL A 61 4.38 -7.17 -2.39
CA VAL A 61 4.12 -7.41 -0.97
C VAL A 61 4.25 -6.13 -0.15
N TYR A 62 3.45 -6.09 0.92
CA TYR A 62 3.65 -5.16 2.01
C TYR A 62 5.07 -5.23 2.55
N ALA A 63 5.56 -4.08 3.01
CA ALA A 63 6.88 -3.98 3.63
C ALA A 63 7.09 -5.04 4.72
N LYS A 64 6.11 -5.20 5.62
CA LYS A 64 6.28 -6.15 6.71
C LYS A 64 6.44 -7.57 6.20
N ASP A 65 5.83 -7.89 5.07
CA ASP A 65 5.90 -9.24 4.54
C ASP A 65 7.22 -9.54 3.83
N THR A 66 7.95 -8.51 3.37
CA THR A 66 9.33 -8.77 2.93
C THR A 66 10.16 -9.31 4.09
N ILE A 67 9.96 -8.77 5.29
CA ILE A 67 10.72 -9.16 6.45
C ILE A 67 10.32 -10.57 6.87
N ILE A 68 9.01 -10.79 7.04
CA ILE A 68 8.53 -12.09 7.48
C ILE A 68 8.90 -13.17 6.48
N GLY A 69 8.65 -12.90 5.19
CA GLY A 69 8.90 -13.91 4.18
C GLY A 69 10.37 -14.23 4.03
N CYS A 70 11.24 -13.25 4.31
CA CYS A 70 12.67 -13.52 4.35
C CYS A 70 13.01 -14.41 5.55
N ASP A 71 12.50 -14.05 6.72
CA ASP A 71 12.83 -14.77 7.93
C ASP A 71 12.30 -16.19 7.89
N GLU A 72 11.20 -16.42 7.18
CA GLU A 72 10.61 -17.74 7.04
C GLU A 72 11.20 -18.55 5.90
N GLY A 73 12.13 -17.98 5.13
CA GLY A 73 12.74 -18.74 4.06
C GLY A 73 11.87 -18.92 2.83
N ILE A 74 10.85 -18.07 2.67
CA ILE A 74 10.00 -18.11 1.48
C ILE A 74 10.64 -17.38 0.32
N PHE A 75 11.29 -16.25 0.62
CA PHE A 75 11.77 -15.33 -0.40
C PHE A 75 13.29 -15.42 -0.52
N HIS A 76 13.77 -15.01 -1.69
CA HIS A 76 15.18 -15.06 -2.03
C HIS A 76 15.91 -13.81 -1.52
N GLU A 77 17.06 -14.02 -0.88
CA GLU A 77 17.91 -12.91 -0.45
C GLU A 77 18.71 -12.38 -1.63
N PHE A 78 18.47 -11.12 -2.00
CA PHE A 78 19.14 -10.53 -3.14
C PHE A 78 20.55 -10.07 -2.79
N ASP A 79 21.38 -9.99 -3.83
CA ASP A 79 22.69 -9.33 -3.81
C ASP A 79 22.44 -8.06 -4.62
N PHE A 80 22.12 -6.96 -3.91
CA PHE A 80 21.29 -5.92 -4.51
C PHE A 80 21.89 -5.35 -5.79
N ASP A 81 23.16 -4.95 -5.77
CA ASP A 81 23.74 -4.30 -6.93
C ASP A 81 24.18 -5.26 -8.03
N LYS A 82 24.27 -6.55 -7.74
CA LYS A 82 24.43 -7.53 -8.79
C LYS A 82 23.11 -7.90 -9.44
N ASP A 83 22.02 -7.93 -8.67
CA ASP A 83 20.75 -8.42 -9.17
C ASP A 83 19.90 -7.34 -9.83
N PHE A 84 20.03 -6.09 -9.42
CA PHE A 84 19.19 -5.01 -9.92
C PHE A 84 20.00 -4.02 -10.75
N LEU A 85 19.31 -3.36 -11.64
CA LEU A 85 19.98 -2.59 -12.68
C LEU A 85 20.42 -1.22 -12.18
N PRO A 86 21.57 -0.74 -12.64
CA PRO A 86 21.96 0.64 -12.32
C PRO A 86 21.02 1.63 -12.99
N ALA A 87 21.03 2.85 -12.49
CA ALA A 87 20.40 3.94 -13.22
C ALA A 87 21.10 4.14 -14.54
N PRO A 88 20.43 4.78 -15.51
CA PRO A 88 21.06 5.03 -16.81
C PRO A 88 22.42 5.68 -16.72
N ASP A 89 22.65 6.57 -15.76
CA ASP A 89 23.93 7.27 -15.65
C ASP A 89 25.02 6.43 -14.98
N GLY A 90 24.71 5.20 -14.60
CA GLY A 90 25.67 4.31 -13.95
C GLY A 90 25.52 4.21 -12.45
N THR A 91 24.67 5.01 -11.82
CA THR A 91 24.51 4.95 -10.37
C THR A 91 24.08 3.54 -9.98
N PRO A 92 24.79 2.85 -9.09
CA PRO A 92 24.34 1.50 -8.68
C PRO A 92 22.94 1.56 -8.07
N ALA A 93 22.21 0.46 -8.21
CA ALA A 93 20.83 0.40 -7.75
C ALA A 93 20.70 0.82 -6.29
N SER A 94 21.65 0.38 -5.45
CA SER A 94 21.51 0.66 -4.02
C SER A 94 21.59 2.15 -3.73
N GLN A 95 22.24 2.93 -4.59
CA GLN A 95 22.32 4.37 -4.44
C GLN A 95 21.20 5.10 -5.19
N ASP A 96 20.49 4.41 -6.07
CA ASP A 96 19.38 4.99 -6.82
C ASP A 96 18.06 4.82 -6.08
N PHE A 97 17.76 3.62 -5.59
CA PHE A 97 16.66 3.47 -4.64
C PHE A 97 16.89 4.44 -3.48
N PHE A 98 15.84 5.19 -3.11
CA PHE A 98 16.09 6.42 -2.36
C PHE A 98 16.51 6.19 -0.91
N THR A 99 16.24 5.02 -0.36
CA THR A 99 16.69 4.66 0.97
C THR A 99 17.02 3.17 0.97
N SER A 100 17.38 2.64 2.14
CA SER A 100 17.74 1.24 2.27
C SER A 100 16.52 0.33 2.22
N MET A 101 16.77 -0.93 1.94
CA MET A 101 15.74 -1.95 1.97
C MET A 101 15.46 -2.40 3.40
N PRO A 102 14.22 -2.82 3.67
CA PRO A 102 13.87 -3.29 5.02
C PRO A 102 14.25 -4.74 5.29
N SER A 103 14.65 -5.45 4.25
CA SER A 103 14.99 -6.86 4.31
C SER A 103 15.88 -7.16 3.12
N LYS A 104 16.74 -8.17 3.27
CA LYS A 104 17.54 -8.62 2.13
C LYS A 104 16.68 -9.18 1.02
N CYS A 105 15.44 -9.55 1.32
CA CYS A 105 14.52 -10.11 0.34
C CYS A 105 13.67 -9.09 -0.39
N ALA A 106 13.89 -7.80 -0.16
CA ALA A 106 13.04 -6.74 -0.69
C ALA A 106 13.70 -5.99 -1.84
N VAL A 107 12.90 -5.66 -2.85
CA VAL A 107 13.28 -4.65 -3.83
C VAL A 107 12.07 -3.72 -4.02
N GLY A 108 12.30 -2.42 -3.91
CA GLY A 108 11.19 -1.49 -3.99
C GLY A 108 10.58 -1.41 -5.37
N ASN A 109 9.28 -1.10 -5.41
CA ASN A 109 8.65 -0.64 -6.65
C ASN A 109 8.14 0.78 -6.48
N ILE A 110 7.09 1.01 -5.68
CA ILE A 110 6.49 2.32 -5.51
C ILE A 110 6.27 2.63 -4.03
N LEU A 111 6.00 3.91 -3.77
CA LEU A 111 5.51 4.41 -2.50
C LEU A 111 4.05 4.79 -2.62
N TYR A 112 3.29 4.54 -1.55
CA TYR A 112 1.86 4.77 -1.52
C TYR A 112 1.47 5.35 -0.19
N SER A 113 0.25 5.88 -0.12
CA SER A 113 -0.32 6.39 1.11
C SER A 113 -1.59 5.65 1.48
N TRP A 114 -1.74 5.39 2.78
CA TRP A 114 -3.04 5.14 3.38
C TRP A 114 -3.63 6.49 3.74
N ASN A 115 -4.81 6.80 3.22
CA ASN A 115 -5.47 8.05 3.60
C ASN A 115 -6.97 7.79 3.69
N PHE A 116 -7.81 8.81 3.51
CA PHE A 116 -9.24 8.55 3.43
C PHE A 116 -9.86 9.50 2.43
N ALA A 117 -11.10 9.19 2.07
CA ALA A 117 -11.82 10.00 1.10
C ALA A 117 -13.29 10.06 1.45
N TYR A 118 -13.97 11.02 0.84
CA TYR A 118 -15.42 11.12 0.87
C TYR A 118 -15.91 11.40 -0.54
N ASN A 119 -17.22 11.25 -0.73
CA ASN A 119 -17.87 11.55 -2.00
C ASN A 119 -18.44 12.96 -1.90
N ASP A 120 -17.83 13.89 -2.63
CA ASP A 120 -18.20 15.29 -2.50
C ASP A 120 -19.64 15.55 -2.93
N ALA A 121 -20.20 14.69 -3.78
CA ALA A 121 -21.57 14.86 -4.23
C ALA A 121 -22.59 14.31 -3.25
N LYS A 122 -22.16 13.51 -2.27
CA LYS A 122 -23.07 12.89 -1.33
C LYS A 122 -22.86 13.35 0.11
N ILE A 123 -21.69 13.87 0.45
CA ILE A 123 -21.36 14.11 1.85
C ILE A 123 -22.21 15.20 2.47
N GLY A 124 -22.63 16.19 1.68
CA GLY A 124 -23.38 17.33 2.17
C GLY A 124 -22.54 18.60 2.22
N ASP A 125 -23.11 19.63 2.84
CA ASP A 125 -22.49 20.94 2.81
C ASP A 125 -21.21 20.98 3.64
N LYS A 126 -21.17 20.30 4.78
CA LYS A 126 -19.96 20.25 5.60
C LYS A 126 -19.00 19.23 5.00
N LYS A 127 -17.73 19.61 4.90
CA LYS A 127 -16.75 18.79 4.20
C LYS A 127 -15.68 18.31 5.16
N PRO A 128 -15.44 17.01 5.26
CA PRO A 128 -14.34 16.51 6.11
C PRO A 128 -13.00 17.09 5.68
N LYS A 129 -12.15 17.39 6.66
CA LYS A 129 -10.83 17.96 6.41
C LYS A 129 -9.72 17.34 7.24
N SER A 130 -10.04 16.53 8.25
CA SER A 130 -9.03 16.05 9.18
C SER A 130 -9.33 14.61 9.56
N ILE A 131 -8.32 13.94 10.14
CA ILE A 131 -8.55 12.61 10.66
C ILE A 131 -9.52 12.63 11.83
N LYS A 132 -9.56 13.73 12.60
CA LYS A 132 -10.55 13.82 13.65
C LYS A 132 -11.95 13.80 13.06
N ASP A 133 -12.13 14.42 11.89
CA ASP A 133 -13.45 14.40 11.24
C ASP A 133 -13.85 12.96 10.88
N PHE A 134 -12.88 12.12 10.50
CA PHE A 134 -13.18 10.73 10.20
C PHE A 134 -13.87 10.05 11.37
N PHE A 135 -13.50 10.41 12.59
CA PHE A 135 -14.06 9.82 13.81
C PHE A 135 -15.22 10.60 14.40
N ASN A 136 -15.62 11.73 13.80
CA ASN A 136 -16.59 12.64 14.39
C ASN A 136 -17.98 12.30 13.86
N THR A 137 -18.70 11.47 14.62
CA THR A 137 -20.02 11.02 14.19
C THR A 137 -21.10 12.04 14.45
N LYS A 138 -20.84 13.05 15.29
CA LYS A 138 -21.82 14.10 15.50
C LYS A 138 -21.81 15.08 14.33
N LYS A 139 -20.63 15.53 13.91
CA LYS A 139 -20.58 16.45 12.79
C LYS A 139 -20.83 15.71 11.47
N PHE A 140 -20.36 14.47 11.36
CA PHE A 140 -20.48 13.66 10.15
C PHE A 140 -21.07 12.30 10.50
N PRO A 141 -22.39 12.21 10.66
CA PRO A 141 -22.99 10.89 10.91
C PRO A 141 -22.92 10.01 9.68
N GLY A 142 -22.78 8.72 9.93
CA GLY A 142 -22.82 7.74 8.87
C GLY A 142 -21.82 6.61 9.03
N LYS A 143 -21.96 5.57 8.22
CA LYS A 143 -21.01 4.46 8.30
C LYS A 143 -19.67 4.87 7.73
N ARG A 144 -18.61 4.28 8.29
CA ARG A 144 -17.26 4.38 7.76
C ARG A 144 -16.81 3.03 7.23
N ALA A 145 -15.93 3.05 6.23
CA ALA A 145 -15.19 1.86 5.83
C ALA A 145 -13.78 2.01 6.37
N ILE A 146 -13.30 0.97 7.05
CA ILE A 146 -11.94 0.92 7.59
C ILE A 146 -11.33 -0.43 7.21
N TYR A 147 -10.01 -0.47 7.22
CA TYR A 147 -9.28 -1.66 6.76
C TYR A 147 -9.58 -2.86 7.67
N LYS A 148 -9.57 -4.05 7.07
CA LYS A 148 -9.93 -5.25 7.81
C LYS A 148 -8.97 -5.55 8.96
N GLY A 149 -7.71 -5.15 8.84
CA GLY A 149 -6.71 -5.47 9.83
C GLY A 149 -6.39 -4.30 10.74
N ALA A 150 -5.69 -4.62 11.83
CA ALA A 150 -5.32 -3.59 12.79
C ALA A 150 -4.32 -2.60 12.20
N MET A 151 -3.45 -3.07 11.31
CA MET A 151 -2.41 -2.21 10.75
C MET A 151 -3.04 -1.03 10.03
N SER A 152 -2.51 0.17 10.30
CA SER A 152 -2.99 1.45 9.81
C SER A 152 -4.12 2.01 10.67
N ASN A 153 -5.04 1.14 11.09
CA ASN A 153 -6.14 1.60 11.94
C ASN A 153 -5.65 2.09 13.30
N LEU A 154 -4.69 1.37 13.90
CA LEU A 154 -4.29 1.80 15.24
C LEU A 154 -3.55 3.13 15.17
N GLU A 155 -2.74 3.32 14.13
CA GLU A 155 -2.03 4.59 13.96
C GLU A 155 -2.99 5.75 13.83
N ILE A 156 -3.98 5.64 12.93
CA ILE A 156 -4.85 6.80 12.70
C ILE A 156 -5.75 7.03 13.90
N ALA A 157 -6.13 5.96 14.61
CA ALA A 157 -6.93 6.14 15.81
C ALA A 157 -6.18 6.94 16.85
N LEU A 158 -4.90 6.63 17.05
CA LEU A 158 -4.13 7.36 18.05
C LEU A 158 -3.94 8.81 17.64
N VAL A 159 -3.67 9.06 16.36
CA VAL A 159 -3.52 10.44 15.94
C VAL A 159 -4.85 11.18 16.08
N ALA A 160 -5.96 10.51 15.76
CA ALA A 160 -7.27 11.14 15.97
C ALA A 160 -7.53 11.42 17.45
N ASP A 161 -6.92 10.65 18.35
CA ASP A 161 -6.99 10.87 19.78
C ASP A 161 -6.02 11.94 20.26
N GLY A 162 -5.30 12.60 19.36
CA GLY A 162 -4.38 13.66 19.74
C GLY A 162 -3.00 13.20 20.11
N VAL A 163 -2.67 11.95 19.89
CA VAL A 163 -1.31 11.47 20.07
C VAL A 163 -0.50 11.90 18.85
N LYS A 164 0.72 12.37 19.07
CA LYS A 164 1.48 12.99 17.99
C LYS A 164 2.34 11.98 17.24
N ALA A 165 2.25 12.01 15.92
CA ALA A 165 3.21 11.35 15.04
C ALA A 165 4.24 12.38 14.58
N SER A 166 5.40 11.88 14.17
CA SER A 166 6.48 12.75 13.71
C SER A 166 6.60 12.82 12.19
N GLY A 167 6.04 11.87 11.48
CA GLY A 167 6.46 11.68 10.10
C GLY A 167 7.86 11.10 10.05
N ALA A 168 8.36 11.00 8.83
CA ALA A 168 9.64 10.36 8.62
C ALA A 168 10.76 11.11 9.33
N GLN A 169 11.63 10.34 9.97
CA GLN A 169 12.86 10.84 10.57
C GLN A 169 13.69 9.60 10.90
N ALA A 170 14.97 9.81 11.18
CA ALA A 170 15.84 8.69 11.51
C ALA A 170 15.28 7.91 12.70
N GLY A 171 15.21 6.59 12.57
CA GLY A 171 14.60 5.74 13.58
C GLY A 171 13.13 5.46 13.38
N GLY A 172 12.52 6.06 12.39
CA GLY A 172 11.12 5.83 12.14
C GLY A 172 10.25 6.82 12.89
N ASP A 173 8.96 6.67 12.68
CA ASP A 173 8.01 7.58 13.28
C ASP A 173 7.98 7.41 14.80
N LEU A 174 7.99 8.53 15.51
CA LEU A 174 7.88 8.53 16.95
C LEU A 174 6.56 7.95 17.44
N LEU A 175 5.55 7.85 16.57
CA LEU A 175 4.26 7.31 17.01
C LEU A 175 4.40 5.90 17.55
N TYR A 176 5.33 5.11 17.00
CA TYR A 176 5.39 3.69 17.36
C TYR A 176 5.83 3.46 18.80
N ARG A 177 6.63 4.38 19.36
CA ARG A 177 6.99 4.28 20.78
C ARG A 177 5.79 4.51 21.68
N LYS A 178 4.70 5.05 21.14
CA LYS A 178 3.48 5.29 21.87
C LYS A 178 2.45 4.18 21.60
N MET A 179 2.88 3.10 20.94
CA MET A 179 2.03 1.98 20.62
C MET A 179 2.48 0.73 21.36
N GLU A 180 2.77 0.89 22.65
CA GLU A 180 2.91 -0.26 23.53
C GLU A 180 1.52 -0.66 24.01
N GLY A 181 1.44 -1.47 25.06
CA GLY A 181 0.16 -2.03 25.45
C GLY A 181 -0.91 -0.98 25.68
N ALA A 182 -0.58 0.08 26.45
CA ALA A 182 -1.59 1.08 26.78
C ALA A 182 -2.08 1.81 25.53
N GLY A 183 -1.15 2.15 24.63
CA GLY A 183 -1.54 2.82 23.40
C GLY A 183 -2.36 1.93 22.49
N ILE A 184 -1.99 0.64 22.39
CA ILE A 184 -2.81 -0.29 21.62
C ILE A 184 -4.22 -0.35 22.19
N ASP A 185 -4.33 -0.42 23.52
CA ASP A 185 -5.66 -0.47 24.14
C ASP A 185 -6.47 0.79 23.83
N ARG A 186 -5.83 1.97 23.86
CA ARG A 186 -6.56 3.18 23.52
C ARG A 186 -7.02 3.15 22.08
N ALA A 187 -6.16 2.69 21.17
CA ALA A 187 -6.52 2.63 19.76
C ALA A 187 -7.68 1.68 19.52
N LEU A 188 -7.64 0.49 20.15
CA LEU A 188 -8.73 -0.45 20.03
C LEU A 188 -10.04 0.14 20.55
N ALA A 189 -9.98 0.85 21.68
CA ALA A 189 -11.19 1.46 22.23
C ALA A 189 -11.75 2.52 21.29
N LYS A 190 -10.87 3.27 20.62
CA LYS A 190 -11.30 4.31 19.69
C LYS A 190 -12.02 3.70 18.49
N ILE A 191 -11.45 2.64 17.91
CA ILE A 191 -12.12 1.96 16.80
C ILE A 191 -13.45 1.36 17.26
N LYS A 192 -13.44 0.66 18.39
CA LYS A 192 -14.68 0.08 18.90
C LYS A 192 -15.74 1.15 19.07
N LYS A 193 -15.35 2.32 19.56
CA LYS A 193 -16.30 3.42 19.76
C LYS A 193 -16.94 3.84 18.43
N LEU A 194 -16.11 4.04 17.41
CA LEU A 194 -16.63 4.41 16.08
C LEU A 194 -17.58 3.34 15.56
N CYS A 195 -17.20 2.07 15.69
CA CYS A 195 -17.98 1.02 15.07
C CYS A 195 -19.25 0.69 15.84
N THR A 196 -19.30 1.01 17.13
CA THR A 196 -20.50 0.76 17.94
C THR A 196 -21.46 1.94 17.97
N ASP A 197 -21.01 3.11 17.56
CA ASP A 197 -21.84 4.30 17.61
C ASP A 197 -23.01 4.15 16.65
N PRO A 198 -24.26 4.33 17.11
CA PRO A 198 -25.39 4.24 16.17
C PRO A 198 -25.29 5.25 15.04
N ASN A 199 -24.58 6.34 15.24
CA ASN A 199 -24.34 7.33 14.20
C ASN A 199 -23.01 7.12 13.49
N GLY A 200 -22.36 6.01 13.75
CA GLY A 200 -21.17 5.60 13.02
C GLY A 200 -21.39 4.23 12.41
N GLY A 201 -20.60 3.25 12.84
CA GLY A 201 -20.66 1.92 12.27
C GLY A 201 -19.58 1.72 11.23
N CYS A 202 -19.19 0.45 11.03
CA CYS A 202 -18.02 0.14 10.23
C CYS A 202 -18.27 -1.00 9.24
N VAL A 203 -17.79 -0.79 8.02
CA VAL A 203 -17.61 -1.82 7.02
C VAL A 203 -16.11 -2.05 6.90
N PHE A 204 -15.66 -3.30 6.98
CA PHE A 204 -14.24 -3.63 6.92
C PHE A 204 -13.88 -4.01 5.49
N TRP A 205 -12.99 -3.24 4.89
CA TRP A 205 -12.58 -3.51 3.51
C TRP A 205 -11.30 -4.32 3.47
N ASN A 206 -11.19 -5.15 2.43
CA ASN A 206 -10.08 -6.07 2.25
C ASN A 206 -9.36 -5.87 0.93
N ALA A 207 -10.07 -5.43 -0.09
CA ALA A 207 -9.53 -5.28 -1.43
C ALA A 207 -9.45 -3.81 -1.78
N GLY A 208 -8.43 -3.45 -2.55
CA GLY A 208 -8.12 -2.04 -2.76
C GLY A 208 -9.21 -1.25 -3.46
N ALA A 209 -10.01 -1.92 -4.29
CA ALA A 209 -11.07 -1.21 -4.99
C ALA A 209 -12.30 -0.96 -4.13
N GLN A 210 -12.41 -1.59 -2.97
CA GLN A 210 -13.64 -1.49 -2.19
C GLN A 210 -13.86 -0.07 -1.67
N PRO A 211 -12.85 0.63 -1.12
CA PRO A 211 -13.10 1.99 -0.60
C PRO A 211 -13.71 2.92 -1.63
N PRO A 212 -13.14 3.06 -2.84
CA PRO A 212 -13.79 3.96 -3.81
C PRO A 212 -15.17 3.49 -4.24
N GLU A 213 -15.38 2.18 -4.37
CA GLU A 213 -16.69 1.67 -4.75
C GLU A 213 -17.73 1.96 -3.68
N LEU A 214 -17.38 1.76 -2.41
CA LEU A 214 -18.32 2.02 -1.32
C LEU A 214 -18.71 3.49 -1.28
N LEU A 215 -17.76 4.38 -1.52
CA LEU A 215 -18.07 5.81 -1.59
C LEU A 215 -18.89 6.16 -2.82
N ALA A 216 -18.55 5.58 -3.97
CA ALA A 216 -19.28 5.89 -5.19
C ALA A 216 -20.75 5.50 -5.07
N ASN A 217 -21.02 4.41 -4.36
CA ASN A 217 -22.38 3.91 -4.20
C ASN A 217 -23.07 4.47 -2.97
N GLY A 218 -22.42 5.35 -2.22
CA GLY A 218 -23.04 5.93 -1.04
C GLY A 218 -23.24 4.97 0.11
N GLU A 219 -22.48 3.87 0.18
CA GLU A 219 -22.65 2.89 1.24
C GLU A 219 -21.98 3.32 2.54
N VAL A 220 -20.96 4.18 2.46
CA VAL A 220 -20.35 4.79 3.63
C VAL A 220 -20.15 6.26 3.31
N VAL A 221 -20.04 7.07 4.38
CA VAL A 221 -19.80 8.50 4.19
C VAL A 221 -18.31 8.83 4.06
N MET A 222 -17.45 8.02 4.66
CA MET A 222 -16.00 8.19 4.57
C MET A 222 -15.39 6.81 4.58
N ALA A 223 -14.29 6.66 3.85
CA ALA A 223 -13.59 5.38 3.76
C ALA A 223 -12.09 5.64 3.76
N THR A 224 -11.36 4.92 4.61
CA THR A 224 -9.93 4.85 4.42
C THR A 224 -9.64 4.03 3.16
N GLY A 225 -8.43 4.18 2.64
CA GLY A 225 -8.04 3.45 1.44
C GLY A 225 -6.65 3.85 1.02
N TRP A 226 -6.22 3.31 -0.12
CA TRP A 226 -4.93 3.65 -0.68
C TRP A 226 -5.12 4.78 -1.71
N ASN A 227 -4.24 5.78 -1.65
CA ASN A 227 -4.48 7.00 -2.42
C ASN A 227 -4.61 6.74 -3.90
N GLY A 228 -3.86 5.77 -4.44
CA GLY A 228 -3.92 5.51 -5.87
C GLY A 228 -5.25 4.93 -6.31
N ARG A 229 -5.95 4.22 -5.43
CA ARG A 229 -7.27 3.70 -5.75
C ARG A 229 -8.28 4.83 -5.81
N PHE A 230 -8.20 5.77 -4.88
CA PHE A 230 -9.04 6.96 -4.94
C PHE A 230 -8.71 7.79 -6.19
N PHE A 231 -7.42 7.96 -6.47
CA PHE A 231 -7.00 8.71 -7.65
C PHE A 231 -7.60 8.11 -8.92
N ASN A 232 -7.55 6.79 -9.05
CA ASN A 232 -8.10 6.16 -10.24
C ASN A 232 -9.58 6.48 -10.39
N ALA A 233 -10.31 6.38 -9.29
CA ALA A 233 -11.74 6.68 -9.33
C ALA A 233 -11.97 8.13 -9.71
N GLN A 234 -11.16 9.05 -9.17
CA GLN A 234 -11.29 10.45 -9.53
C GLN A 234 -11.08 10.66 -11.04
N MET A 235 -10.07 9.99 -11.60
CA MET A 235 -9.78 10.16 -13.02
C MET A 235 -10.86 9.53 -13.89
N GLU A 236 -11.62 8.57 -13.35
CA GLU A 236 -12.77 8.01 -14.03
C GLU A 236 -14.01 8.86 -13.84
N GLY A 237 -13.92 9.98 -13.14
CA GLY A 237 -15.03 10.90 -13.01
C GLY A 237 -15.82 10.80 -11.73
N THR A 238 -15.43 9.92 -10.80
CA THR A 238 -16.16 9.84 -9.55
C THR A 238 -15.74 11.01 -8.67
N PRO A 239 -16.70 11.80 -8.11
CA PRO A 239 -16.36 13.04 -7.39
C PRO A 239 -15.88 12.80 -5.97
N LEU A 240 -14.84 11.97 -5.83
CA LEU A 240 -14.24 11.76 -4.53
C LEU A 240 -13.27 12.89 -4.22
N VAL A 241 -13.09 13.14 -2.93
CA VAL A 241 -12.06 14.05 -2.42
C VAL A 241 -11.24 13.29 -1.40
N GLN A 242 -9.92 13.30 -1.57
CA GLN A 242 -9.02 12.66 -0.63
C GLN A 242 -8.62 13.63 0.47
N VAL A 243 -8.51 13.12 1.70
CA VAL A 243 -8.05 13.88 2.85
C VAL A 243 -6.74 13.27 3.29
N TRP A 244 -5.72 14.11 3.43
CA TRP A 244 -4.34 13.67 3.63
C TRP A 244 -3.84 13.87 5.05
N ASP A 245 -4.66 14.44 5.93
CA ASP A 245 -4.28 14.61 7.32
C ASP A 245 -4.09 13.22 7.93
N ALA A 246 -2.93 13.01 8.55
CA ALA A 246 -2.59 11.72 9.15
C ALA A 246 -2.55 10.59 8.11
N GLN A 247 -2.28 10.93 6.85
CA GLN A 247 -1.97 9.88 5.88
C GLN A 247 -0.74 9.10 6.34
N ILE A 248 -0.71 7.80 6.05
CA ILE A 248 0.43 6.97 6.37
C ILE A 248 1.21 6.72 5.09
N LEU A 249 2.44 7.23 5.05
CA LEU A 249 3.34 7.00 3.92
C LEU A 249 3.97 5.63 4.08
N ASP A 250 3.86 4.82 3.03
CA ASP A 250 4.29 3.42 3.11
C ASP A 250 5.01 3.07 1.81
N TYR A 251 5.80 2.01 1.88
CA TYR A 251 6.70 1.62 0.81
C TYR A 251 6.31 0.21 0.36
N GLU A 252 6.20 0.01 -0.94
CA GLU A 252 5.83 -1.30 -1.48
C GLU A 252 7.02 -1.94 -2.19
N TYR A 253 6.98 -3.27 -2.30
CA TYR A 253 8.13 -4.06 -2.76
C TYR A 253 7.67 -5.24 -3.60
N PHE A 254 8.61 -5.77 -4.37
CA PHE A 254 8.55 -7.12 -4.87
C PHE A 254 9.49 -8.01 -4.05
N ALA A 255 9.15 -9.29 -4.01
CA ALA A 255 10.02 -10.34 -3.51
C ALA A 255 9.95 -11.52 -4.48
N LEU A 256 11.06 -12.24 -4.57
CA LEU A 256 11.21 -13.40 -5.44
C LEU A 256 10.94 -14.67 -4.63
N VAL A 257 9.99 -15.48 -5.10
CA VAL A 257 9.62 -16.72 -4.41
C VAL A 257 10.61 -17.83 -4.74
N LYS A 258 11.29 -18.34 -3.72
CA LYS A 258 12.17 -19.47 -3.94
C LYS A 258 11.37 -20.68 -4.40
N ASP A 259 11.92 -21.41 -5.37
CA ASP A 259 11.37 -22.66 -5.86
C ASP A 259 10.09 -22.48 -6.66
N GLY A 260 9.77 -21.25 -7.09
CA GLY A 260 8.70 -21.03 -8.03
C GLY A 260 9.09 -21.55 -9.39
N PRO A 261 8.14 -21.58 -10.33
CA PRO A 261 8.42 -22.18 -11.65
C PRO A 261 9.61 -21.58 -12.37
N GLY A 262 9.80 -20.27 -12.27
CA GLY A 262 10.89 -19.59 -12.93
C GLY A 262 12.10 -19.29 -12.05
N TYR A 263 12.23 -19.97 -10.92
CA TYR A 263 13.31 -19.66 -9.99
C TYR A 263 14.63 -20.26 -10.45
N ALA A 264 14.68 -21.59 -10.59
CA ALA A 264 15.95 -22.26 -10.85
C ALA A 264 16.56 -21.82 -12.17
N ASP A 265 15.74 -21.56 -13.19
CA ASP A 265 16.25 -21.23 -14.52
C ASP A 265 16.55 -19.75 -14.70
N GLY A 266 16.35 -18.93 -13.67
CA GLY A 266 16.70 -17.52 -13.70
C GLY A 266 15.70 -16.63 -14.41
N SER A 267 14.61 -17.18 -14.94
CA SER A 267 13.68 -16.36 -15.71
C SER A 267 12.96 -15.36 -14.83
N ALA A 268 12.58 -15.75 -13.61
CA ALA A 268 11.86 -14.82 -12.75
C ALA A 268 12.75 -13.65 -12.33
N MET A 269 14.01 -13.94 -12.01
CA MET A 269 14.93 -12.85 -11.67
C MET A 269 15.10 -11.90 -12.85
N LYS A 270 15.20 -12.43 -14.07
CA LYS A 270 15.38 -11.56 -15.24
C LYS A 270 14.18 -10.63 -15.41
N VAL A 271 12.98 -11.17 -15.23
CA VAL A 271 11.78 -10.36 -15.29
C VAL A 271 11.80 -9.30 -14.19
N LEU A 272 12.18 -9.70 -12.97
CA LEU A 272 12.15 -8.78 -11.84
C LEU A 272 13.11 -7.62 -12.04
N ALA A 273 14.31 -7.90 -12.54
CA ALA A 273 15.30 -6.85 -12.76
C ALA A 273 14.80 -5.84 -13.80
N GLU A 274 14.10 -6.31 -14.83
CA GLU A 274 13.63 -5.40 -15.86
CA GLU A 274 13.64 -5.40 -15.86
C GLU A 274 12.41 -4.60 -15.39
N MET A 275 11.53 -5.23 -14.61
CA MET A 275 10.34 -4.52 -14.14
C MET A 275 10.73 -3.38 -13.20
N THR A 276 11.78 -3.59 -12.40
CA THR A 276 12.23 -2.61 -11.41
C THR A 276 13.31 -1.68 -11.95
N SER A 277 13.43 -1.59 -13.26
CA SER A 277 14.38 -0.66 -13.87
C SER A 277 13.89 0.79 -13.70
N THR A 278 14.81 1.72 -13.97
CA THR A 278 14.48 3.14 -13.96
C THR A 278 13.27 3.44 -14.83
N GLU A 279 13.29 2.96 -16.07
CA GLU A 279 12.21 3.22 -17.01
C GLU A 279 10.91 2.54 -16.59
N GLY A 280 11.01 1.32 -16.07
CA GLY A 280 9.80 0.61 -15.67
C GLY A 280 9.08 1.28 -14.53
N LEU A 281 9.81 1.61 -13.46
CA LEU A 281 9.13 2.21 -12.31
C LEU A 281 8.58 3.57 -12.67
N ALA A 282 9.30 4.35 -13.49
CA ALA A 282 8.73 5.62 -13.94
C ALA A 282 7.46 5.41 -14.77
N GLY A 283 7.47 4.37 -15.61
CA GLY A 283 6.32 4.11 -16.47
C GLY A 283 5.04 3.83 -15.70
N SER A 284 5.15 3.17 -14.55
CA SER A 284 3.95 2.87 -13.79
C SER A 284 3.23 4.14 -13.35
N ALA A 285 3.97 5.22 -13.08
CA ALA A 285 3.38 6.46 -12.60
C ALA A 285 2.69 7.25 -13.69
N LYS A 286 2.74 6.79 -14.95
CA LYS A 286 1.89 7.35 -15.98
C LYS A 286 0.42 6.92 -15.79
N TYR A 287 0.18 5.94 -14.92
CA TYR A 287 -1.14 5.33 -14.78
C TYR A 287 -1.77 5.52 -13.41
N ILE A 288 -0.98 5.65 -12.35
CA ILE A 288 -1.52 5.72 -11.00
C ILE A 288 -0.61 6.61 -10.17
N ALA A 289 -1.20 7.24 -9.14
CA ALA A 289 -0.49 8.20 -8.30
C ALA A 289 0.33 7.54 -7.19
N TYR A 290 1.25 6.67 -7.59
CA TYR A 290 2.20 6.04 -6.67
C TYR A 290 3.59 6.42 -7.15
N ALA A 291 4.45 6.76 -6.21
CA ALA A 291 5.73 7.37 -6.54
C ALA A 291 6.79 6.30 -6.77
N PRO A 292 7.60 6.41 -7.81
CA PRO A 292 8.67 5.43 -8.01
C PRO A 292 9.70 5.45 -6.89
N TRP A 293 10.28 4.27 -6.62
CA TRP A 293 11.26 4.12 -5.56
C TRP A 293 12.62 4.70 -5.93
N ARG A 294 12.95 4.79 -7.22
CA ARG A 294 14.28 5.22 -7.67
C ARG A 294 14.32 6.71 -7.89
N LYS A 295 15.40 7.34 -7.41
CA LYS A 295 15.63 8.75 -7.68
C LYS A 295 15.66 9.03 -9.18
N SER A 296 16.26 8.13 -9.96
CA SER A 296 16.32 8.33 -11.41
C SER A 296 14.92 8.36 -12.01
N SER A 297 14.05 7.45 -11.56
CA SER A 297 12.68 7.40 -12.06
C SER A 297 11.90 8.64 -11.67
N ILE A 298 12.06 9.09 -10.42
CA ILE A 298 11.40 10.31 -9.98
C ILE A 298 11.80 11.48 -10.87
N ALA A 299 13.11 11.60 -11.16
CA ALA A 299 13.58 12.71 -11.98
C ALA A 299 12.97 12.67 -13.37
N ILE A 300 12.83 11.47 -13.95
CA ILE A 300 12.19 11.33 -15.26
C ILE A 300 10.76 11.83 -15.20
N MET A 301 10.00 11.37 -14.21
CA MET A 301 8.61 11.77 -14.07
C MET A 301 8.48 13.28 -13.94
N GLU A 302 9.32 13.88 -13.10
CA GLU A 302 9.21 15.31 -12.86
C GLU A 302 9.55 16.10 -14.13
N ALA A 303 10.60 15.67 -14.85
CA ALA A 303 11.00 16.37 -16.07
C ALA A 303 9.97 16.20 -17.17
N GLY A 304 9.21 15.10 -17.14
CA GLY A 304 8.25 14.77 -18.17
C GLY A 304 6.82 15.19 -17.89
N GLU A 305 6.59 16.05 -16.91
CA GLU A 305 5.24 16.50 -16.62
C GLU A 305 4.68 17.26 -17.82
N PRO A 306 3.37 17.12 -18.10
CA PRO A 306 2.40 16.26 -17.40
C PRO A 306 2.63 14.79 -17.72
N TRP A 307 2.86 13.99 -16.68
CA TRP A 307 3.32 12.61 -16.85
C TRP A 307 2.18 11.61 -17.02
N PHE A 308 0.96 11.99 -16.64
CA PHE A 308 -0.16 11.08 -16.79
C PHE A 308 -0.34 10.71 -18.25
N LYS A 309 -0.92 9.53 -18.47
CA LYS A 309 -1.09 8.96 -19.80
C LYS A 309 -1.77 9.92 -20.78
N ASP A 310 -2.57 10.88 -20.29
CA ASP A 310 -3.30 11.77 -21.17
C ASP A 310 -2.44 12.90 -21.71
N GLY A 311 -1.20 13.03 -21.26
CA GLY A 311 -0.37 14.14 -21.66
C GLY A 311 -0.82 15.49 -21.16
N LYS A 312 -1.75 15.56 -20.20
CA LYS A 312 -2.14 16.85 -19.65
C LYS A 312 -2.28 16.90 -18.13
N THR A 313 -2.48 15.79 -17.44
CA THR A 313 -2.58 15.80 -15.99
C THR A 313 -1.20 15.68 -15.36
N ASN A 314 -0.82 16.68 -14.55
CA ASN A 314 0.43 16.59 -13.81
C ASN A 314 0.28 15.59 -12.67
N MET A 315 1.25 14.69 -12.52
CA MET A 315 1.17 13.65 -11.50
C MET A 315 1.78 14.05 -10.16
N VAL A 316 2.78 14.93 -10.16
CA VAL A 316 3.48 15.25 -8.91
C VAL A 316 2.53 15.70 -7.80
N PRO A 317 1.56 16.59 -8.03
CA PRO A 317 0.69 17.02 -6.92
C PRO A 317 -0.16 15.92 -6.35
N HIS A 318 -0.30 14.80 -7.07
CA HIS A 318 -1.09 13.67 -6.59
C HIS A 318 -0.25 12.64 -5.86
N MET A 319 1.06 12.82 -5.77
CA MET A 319 1.89 11.78 -5.25
C MET A 319 1.91 11.74 -3.72
N PRO A 320 2.10 10.55 -3.15
CA PRO A 320 2.21 10.44 -1.69
C PRO A 320 3.29 11.31 -1.11
N THR A 321 4.31 11.64 -1.90
CA THR A 321 5.49 12.34 -1.47
C THR A 321 5.45 13.82 -1.78
N ALA A 322 4.34 14.33 -2.33
CA ALA A 322 4.27 15.76 -2.59
C ALA A 322 4.24 16.50 -1.26
N PRO A 323 5.02 17.58 -1.10
CA PRO A 323 5.06 18.25 0.22
C PRO A 323 3.68 18.63 0.74
N SER A 324 2.77 19.09 -0.13
CA SER A 324 1.43 19.43 0.32
C SER A 324 0.70 18.24 0.91
N ASN A 325 0.97 17.03 0.41
CA ASN A 325 0.32 15.84 0.93
C ASN A 325 1.00 15.28 2.17
N LEU A 326 2.21 15.75 2.50
CA LEU A 326 2.98 15.23 3.63
C LEU A 326 2.86 16.04 4.91
N LYS A 327 2.06 17.11 4.93
CA LYS A 327 2.10 18.07 6.02
C LYS A 327 1.92 17.42 7.39
N SER A 328 1.08 16.39 7.50
CA SER A 328 0.85 15.74 8.79
C SER A 328 0.92 14.23 8.69
N HIS A 329 1.87 13.73 7.92
CA HIS A 329 1.91 12.30 7.65
C HIS A 329 2.52 11.52 8.81
N ILE A 330 2.20 10.22 8.81
CA ILE A 330 2.80 9.19 9.64
C ILE A 330 3.68 8.35 8.72
N LEU A 331 4.86 7.95 9.16
CA LEU A 331 5.67 7.03 8.37
C LEU A 331 5.45 5.60 8.87
N MET A 332 4.94 4.72 7.99
CA MET A 332 4.71 3.33 8.39
C MET A 332 6.00 2.71 8.89
N ASN A 333 5.90 1.94 9.98
CA ASN A 333 7.03 1.19 10.50
C ASN A 333 6.80 -0.30 10.27
N PRO A 334 7.49 -0.92 9.31
CA PRO A 334 7.20 -2.32 9.00
C PRO A 334 7.78 -3.30 10.01
N ASP A 335 8.87 -2.94 10.70
CA ASP A 335 9.37 -3.83 11.74
C ASP A 335 8.36 -3.97 12.88
N TYR A 336 7.70 -2.87 13.23
CA TYR A 336 6.71 -2.93 14.30
C TYR A 336 5.64 -3.96 13.99
N TRP A 337 5.12 -3.93 12.76
CA TRP A 337 4.05 -4.85 12.39
C TRP A 337 4.56 -6.26 12.16
N ALA A 338 5.75 -6.42 11.58
CA ALA A 338 6.30 -7.77 11.45
C ALA A 338 6.49 -8.40 12.82
N ASP A 339 6.96 -7.61 13.78
CA ASP A 339 7.25 -8.13 15.11
C ASP A 339 5.97 -8.40 15.90
N ASN A 340 4.97 -7.53 15.78
CA ASN A 340 3.85 -7.52 16.71
C ASN A 340 2.49 -7.85 16.12
N GLN A 341 2.38 -8.14 14.83
CA GLN A 341 1.05 -8.32 14.26
C GLN A 341 0.29 -9.50 14.87
N ASP A 342 0.96 -10.60 15.25
CA ASP A 342 0.20 -11.72 15.82
C ASP A 342 -0.45 -11.32 17.13
N GLU A 343 0.33 -10.76 18.05
CA GLU A 343 -0.20 -10.34 19.35
C GLU A 343 -1.32 -9.33 19.17
N ILE A 344 -1.09 -8.35 18.30
CA ILE A 344 -2.09 -7.30 18.12
C ILE A 344 -3.33 -7.86 17.46
N ASN A 345 -3.14 -8.73 16.46
CA ASN A 345 -4.29 -9.27 15.72
C ASN A 345 -5.21 -10.06 16.64
N GLU A 346 -4.67 -10.74 17.64
CA GLU A 346 -5.55 -11.47 18.56
C GLU A 346 -6.51 -10.50 19.24
N LYS A 347 -6.00 -9.36 19.72
CA LYS A 347 -6.86 -8.40 20.38
C LYS A 347 -7.80 -7.73 19.38
N TRP A 348 -7.30 -7.44 18.18
CA TRP A 348 -8.11 -6.82 17.13
C TRP A 348 -9.29 -7.69 16.75
N GLU A 349 -9.03 -8.98 16.50
CA GLU A 349 -10.10 -9.87 16.09
C GLU A 349 -11.08 -10.11 17.23
N ALA A 350 -10.60 -10.11 18.47
CA ALA A 350 -11.54 -10.23 19.59
C ALA A 350 -12.44 -9.01 19.67
N MET A 351 -11.90 -7.82 19.38
CA MET A 351 -12.73 -6.63 19.34
C MET A 351 -13.79 -6.74 18.23
N LYS A 352 -13.37 -7.17 17.04
CA LYS A 352 -14.32 -7.31 15.92
C LYS A 352 -15.38 -8.36 16.23
N ALA A 353 -14.99 -9.45 16.88
CA ALA A 353 -15.97 -10.48 17.25
C ALA A 353 -16.97 -9.94 18.25
N GLY A 354 -16.51 -9.06 19.15
CA GLY A 354 -17.41 -8.45 20.12
C GLY A 354 -18.40 -7.51 19.49
N LEU A 355 -18.04 -6.89 18.36
CA LEU A 355 -18.97 -6.01 17.67
C LEU A 355 -20.19 -6.80 17.22
N HIS A 356 -19.95 -8.00 16.69
CA HIS A 356 -21.03 -8.87 16.24
C HIS A 356 -21.83 -9.42 17.40
N HIS A 357 -21.15 -9.85 18.47
CA HIS A 357 -21.85 -10.52 19.55
C HIS A 357 -22.78 -9.57 20.30
N HIS A 358 -22.47 -8.28 20.30
CA HIS A 358 -23.33 -7.27 20.92
C HIS A 358 -24.24 -6.58 19.93
N HIS A 359 -24.17 -6.92 18.65
CA HIS A 359 -25.01 -6.31 17.64
C HIS A 359 -26.40 -6.95 17.68
N HIS A 360 -27.44 -6.12 17.70
CA HIS A 360 -28.81 -6.59 17.59
C HIS A 360 -29.26 -6.40 16.15
N HIS A 361 -29.85 -7.44 15.57
CA HIS A 361 -30.33 -7.37 14.20
C HIS A 361 -31.28 -6.18 14.04
N BET B . -0.85 -1.57 -2.54
CA BET B . -1.68 -0.47 -3.13
C BET B . -2.81 -0.85 -4.09
O BET B . -3.12 -2.05 -4.29
OXT BET B . -3.37 0.14 -4.62
C1 BET B . -0.23 -2.40 -3.62
C2 BET B . -1.69 -2.45 -1.67
C3 BET B . 0.24 -0.95 -1.73
O1 MES C . -2.14 -10.27 11.94
C2 MES C . -1.93 -11.67 12.07
C3 MES C . -1.19 -12.24 10.87
N4 MES C . -1.88 -11.88 9.62
C5 MES C . -2.23 -10.47 9.51
C6 MES C . -2.93 -10.00 10.78
C7 MES C . -1.21 -12.33 8.37
C8 MES C . -0.90 -13.83 8.41
S MES C . -0.41 -14.38 6.90
O1S MES C . 0.67 -13.54 6.40
O2S MES C . 0.03 -15.80 7.06
O3S MES C . -1.54 -14.32 5.93
O1 MES D . 17.32 -16.26 -9.67
C2 MES D . 18.45 -16.58 -10.50
C3 MES D . 18.71 -18.08 -10.48
N4 MES D . 18.77 -18.59 -9.11
C5 MES D . 17.71 -18.14 -8.21
C6 MES D . 17.57 -16.64 -8.32
C7 MES D . 18.96 -20.03 -9.16
C8 MES D . 19.33 -20.58 -7.78
S MES D . 19.48 -22.22 -7.93
O1S MES D . 20.32 -22.74 -6.83
O2S MES D . 18.12 -22.80 -7.84
O3S MES D . 20.08 -22.55 -9.23
O1 PG4 E . -8.76 6.92 -20.81
C1 PG4 E . -9.77 7.48 -19.99
C2 PG4 E . -9.19 8.04 -18.72
O2 PG4 E . -9.12 7.00 -17.73
C3 PG4 E . -8.81 7.50 -16.45
C4 PG4 E . -8.24 6.40 -15.62
O3 PG4 E . -6.92 6.11 -16.03
C5 PG4 E . -6.32 5.06 -15.28
C6 PG4 E . -4.97 4.73 -15.79
O4 PG4 E . -5.06 4.26 -17.14
C7 PG4 E . -5.22 2.86 -17.23
C8 PG4 E . -5.12 2.43 -18.67
O5 PG4 E . -6.13 3.02 -19.46
C1 GOL F . -3.67 15.45 -3.82
O1 GOL F . -4.01 16.66 -3.20
C2 GOL F . -4.90 14.77 -4.46
O2 GOL F . -5.81 14.32 -3.48
C3 GOL F . -4.45 13.52 -5.18
O3 GOL F . -5.48 12.97 -5.99
C1 GOL G . 10.10 10.39 0.14
O1 GOL G . 9.90 11.78 0.11
C2 GOL G . 11.21 9.98 -0.82
O2 GOL G . 10.77 8.93 -1.68
C3 GOL G . 11.71 11.13 -1.67
O3 GOL G . 12.79 10.65 -2.46
#